data_8OI3
#
_entry.id   8OI3
#
_cell.length_a   80.851
_cell.length_b   86.826
_cell.length_c   90.485
_cell.angle_alpha   90.000
_cell.angle_beta   90.000
_cell.angle_gamma   90.000
#
_symmetry.space_group_name_H-M   'P 21 21 21'
#
loop_
_entity.id
_entity.type
_entity.pdbx_description
1 polymer 'Type III effector'
2 polymer 'Small ubiquitin-related modifier 2'
3 non-polymer prop-2-en-1-amine
4 water water
#
loop_
_entity_poly.entity_id
_entity_poly.type
_entity_poly.pdbx_seq_one_letter_code
_entity_poly.pdbx_strand_id
1 'polypeptide(L)'
;MGSSHHHHHHSSGLVPRGSHPVLGPTQWLGDEHIQRDYELLAQELQQNNPDLAARTRFVDPLIAQMLRSPSKEVAERALG
WVRPGTADFLFLPVSDASDTDRHQRGSHWSLLLVDRRDRGRRVAYHYDSTQGYNDGLAAELAGRLDANLQQAPIRQQQNS
YDCGVFVLDGTRELVRRLAARRPDLNLNNLVISRQELRDRLGAGVGFN
;
A,B
2 'polypeptide(L)'
;MSATPEEDKKPDQGAHINLKVKGQDGNEVFFRIKRSTQLKKLMNAYCDRQSVDFNSIAFLFDGRRLRAEQTPDELEMEDG
DEIDAMLHQTG
;
C,D
#
# COMPACT_ATOMS: atom_id res chain seq x y z
N PRO A 21 -25.49 4.08 19.20
CA PRO A 21 -26.94 3.78 19.15
C PRO A 21 -27.24 2.26 19.11
N VAL A 22 -28.39 1.89 19.63
CA VAL A 22 -28.82 0.49 19.65
C VAL A 22 -28.95 -0.03 18.22
N LEU A 23 -28.39 -1.21 17.96
CA LEU A 23 -28.55 -1.87 16.68
C LEU A 23 -28.94 -3.32 16.88
N GLY A 24 -30.03 -3.74 16.24
CA GLY A 24 -30.51 -5.10 16.34
C GLY A 24 -29.81 -6.07 15.39
N PRO A 25 -30.11 -7.36 15.54
CA PRO A 25 -29.38 -8.37 14.74
C PRO A 25 -29.65 -8.30 13.25
N THR A 26 -30.85 -7.91 12.83
CA THR A 26 -31.14 -7.76 11.41
C THR A 26 -31.65 -6.36 11.06
N GLN A 27 -31.50 -5.41 11.98
CA GLN A 27 -31.93 -4.06 11.73
C GLN A 27 -31.13 -3.39 10.62
N TRP A 28 -31.83 -2.65 9.78
CA TRP A 28 -31.15 -1.80 8.82
C TRP A 28 -30.33 -0.75 9.56
N LEU A 29 -29.11 -0.51 9.10
CA LEU A 29 -28.33 0.55 9.72
C LEU A 29 -28.88 1.93 9.35
N GLY A 30 -28.93 2.80 10.33
CA GLY A 30 -29.17 4.19 10.09
C GLY A 30 -27.87 4.99 10.04
N ASP A 31 -27.99 6.25 9.62
CA ASP A 31 -26.80 7.09 9.57
C ASP A 31 -26.10 7.18 10.92
N GLU A 32 -26.86 7.06 12.02
CA GLU A 32 -26.26 7.18 13.33
C GLU A 32 -25.33 6.01 13.62
N HIS A 33 -25.68 4.82 13.15
CA HIS A 33 -24.81 3.66 13.35
C HIS A 33 -23.53 3.82 12.54
N ILE A 34 -23.66 4.21 11.27
CA ILE A 34 -22.49 4.42 10.42
C ILE A 34 -21.58 5.49 10.99
N GLN A 35 -22.17 6.63 11.39
CA GLN A 35 -21.37 7.72 11.93
C GLN A 35 -20.65 7.30 13.21
N ARG A 36 -21.33 6.57 14.10
CA ARG A 36 -20.69 6.18 15.35
C ARG A 36 -19.50 5.27 15.10
N ASP A 37 -19.64 4.31 14.18
CA ASP A 37 -18.52 3.44 13.91
C ASP A 37 -17.37 4.20 13.24
N TYR A 38 -17.71 5.16 12.38
CA TYR A 38 -16.69 6.01 11.77
C TYR A 38 -15.98 6.87 12.82
N GLU A 39 -16.69 7.32 13.85
CA GLU A 39 -16.07 8.03 14.95
C GLU A 39 -15.09 7.13 15.70
N LEU A 40 -15.51 5.90 16.00
CA LEU A 40 -14.62 4.98 16.69
C LEU A 40 -13.39 4.66 15.83
N LEU A 41 -13.61 4.46 14.54
CA LEU A 41 -12.51 4.15 13.64
C LEU A 41 -11.53 5.31 13.54
N ALA A 42 -12.05 6.54 13.45
CA ALA A 42 -11.18 7.71 13.37
C ALA A 42 -10.30 7.82 14.61
N GLN A 43 -10.88 7.57 15.79
CA GLN A 43 -10.09 7.65 17.01
C GLN A 43 -9.09 6.51 17.09
N GLU A 44 -9.50 5.31 16.68
CA GLU A 44 -8.58 4.18 16.63
C GLU A 44 -7.41 4.47 15.69
N LEU A 45 -7.70 5.04 14.52
CA LEU A 45 -6.64 5.32 13.57
C LEU A 45 -5.73 6.44 14.07
N GLN A 46 -6.31 7.47 14.71
CA GLN A 46 -5.50 8.54 15.26
C GLN A 46 -4.48 8.00 16.27
N GLN A 47 -4.87 7.00 17.05
CA GLN A 47 -3.97 6.48 18.06
C GLN A 47 -2.93 5.53 17.47
N ASN A 48 -3.33 4.70 16.51
CA ASN A 48 -2.43 3.67 16.01
C ASN A 48 -1.56 4.14 14.85
N ASN A 49 -2.04 5.09 14.06
CA ASN A 49 -1.32 5.54 12.86
C ASN A 49 -1.71 6.98 12.58
N PRO A 50 -1.20 7.92 13.39
CA PRO A 50 -1.60 9.33 13.22
C PRO A 50 -1.25 9.92 11.85
N ASP A 51 -0.19 9.44 11.19
CA ASP A 51 0.15 9.97 9.88
C ASP A 51 -0.88 9.57 8.83
N LEU A 52 -1.38 8.33 8.90
CA LEU A 52 -2.47 7.94 8.01
C LEU A 52 -3.76 8.67 8.39
N ALA A 53 -4.02 8.81 9.69
CA ALA A 53 -5.24 9.50 10.13
C ALA A 53 -5.30 10.93 9.62
N ALA A 54 -4.16 11.63 9.63
CA ALA A 54 -4.14 13.02 9.20
C ALA A 54 -4.49 13.16 7.72
N ARG A 55 -4.22 12.12 6.93
CA ARG A 55 -4.42 12.15 5.49
C ARG A 55 -5.72 11.47 5.06
N THR A 56 -6.56 11.06 6.00
CA THR A 56 -7.76 10.28 5.69
C THR A 56 -8.97 11.00 6.25
N ARG A 57 -10.07 10.96 5.49
CA ARG A 57 -11.34 11.52 5.96
C ARG A 57 -12.40 10.42 5.99
N PHE A 58 -13.00 10.20 7.16
CA PHE A 58 -14.15 9.33 7.34
C PHE A 58 -15.33 10.28 7.38
N VAL A 59 -16.04 10.36 6.26
CA VAL A 59 -17.07 11.39 6.09
C VAL A 59 -18.39 10.89 6.69
N ASP A 60 -18.95 11.69 7.59
CA ASP A 60 -20.29 11.43 8.13
C ASP A 60 -21.27 11.19 6.99
N PRO A 61 -22.09 10.13 7.05
CA PRO A 61 -23.03 9.88 5.95
C PRO A 61 -23.96 11.05 5.63
N LEU A 62 -24.31 11.85 6.64
CA LEU A 62 -25.14 13.01 6.35
C LEU A 62 -24.36 14.07 5.58
N ILE A 63 -23.09 14.24 5.91
CA ILE A 63 -22.25 15.18 5.17
C ILE A 63 -22.02 14.67 3.76
N ALA A 64 -21.85 13.36 3.59
CA ALA A 64 -21.73 12.79 2.25
C ALA A 64 -22.95 13.11 1.40
N GLN A 65 -24.14 13.06 2.00
CA GLN A 65 -25.34 13.46 1.24
C GLN A 65 -25.35 14.95 0.97
N MET A 66 -24.93 15.77 1.94
CA MET A 66 -24.82 17.21 1.68
C MET A 66 -23.96 17.48 0.46
N LEU A 67 -22.91 16.68 0.25
CA LEU A 67 -22.02 16.91 -0.88
C LEU A 67 -22.74 16.81 -2.22
N ARG A 68 -23.82 16.02 -2.28
CA ARG A 68 -24.63 15.90 -3.49
C ARG A 68 -25.92 16.72 -3.41
N SER A 69 -25.97 17.70 -2.52
CA SER A 69 -27.15 18.52 -2.39
C SER A 69 -27.41 19.28 -3.70
N PRO A 70 -28.69 19.49 -4.06
CA PRO A 70 -28.97 20.41 -5.19
C PRO A 70 -28.69 21.86 -4.85
N SER A 71 -28.47 22.19 -3.57
CA SER A 71 -28.14 23.53 -3.15
C SER A 71 -26.63 23.68 -3.18
N LYS A 72 -26.13 24.59 -4.02
CA LYS A 72 -24.69 24.71 -4.18
C LYS A 72 -24.01 25.08 -2.87
N GLU A 73 -24.61 25.97 -2.09
CA GLU A 73 -23.97 26.40 -0.84
C GLU A 73 -23.96 25.27 0.20
N VAL A 74 -24.95 24.39 0.19
CA VAL A 74 -24.92 23.23 1.07
C VAL A 74 -23.78 22.29 0.67
N ALA A 75 -23.66 21.99 -0.62
CA ALA A 75 -22.59 21.11 -1.08
C ALA A 75 -21.22 21.71 -0.79
N GLU A 76 -21.08 23.01 -0.94
CA GLU A 76 -19.78 23.65 -0.71
C GLU A 76 -19.45 23.68 0.76
N ARG A 77 -20.42 23.94 1.59
CA ARG A 77 -20.19 23.90 3.05
C ARG A 77 -19.65 22.51 3.42
N ALA A 78 -20.30 21.46 2.94
CA ALA A 78 -19.90 20.07 3.21
C ALA A 78 -18.48 19.83 2.71
N LEU A 79 -18.17 20.36 1.54
CA LEU A 79 -16.81 20.21 1.01
C LEU A 79 -15.79 20.85 1.94
N GLY A 80 -16.10 22.02 2.47
CA GLY A 80 -15.20 22.64 3.42
C GLY A 80 -15.02 21.80 4.68
N TRP A 81 -16.12 21.19 5.16
CA TRP A 81 -16.04 20.36 6.34
C TRP A 81 -15.18 19.13 6.10
N VAL A 82 -15.22 18.59 4.89
CA VAL A 82 -14.41 17.42 4.57
C VAL A 82 -12.95 17.80 4.40
N ARG A 83 -12.69 19.02 3.94
CA ARG A 83 -11.34 19.50 3.62
C ARG A 83 -10.56 18.47 2.78
N PRO A 84 -11.05 18.14 1.59
CA PRO A 84 -10.40 17.07 0.80
C PRO A 84 -9.03 17.46 0.28
N GLY A 85 -8.71 18.75 0.25
CA GLY A 85 -7.46 19.17 -0.34
C GLY A 85 -6.25 18.56 0.33
N THR A 86 -6.26 18.52 1.66
CA THR A 86 -5.14 17.98 2.43
C THR A 86 -5.30 16.50 2.75
N ALA A 87 -6.17 15.79 2.02
CA ALA A 87 -6.41 14.38 2.28
C ALA A 87 -5.96 13.54 1.10
N ASP A 88 -5.38 12.38 1.39
CA ASP A 88 -5.12 11.39 0.37
C ASP A 88 -6.30 10.47 0.13
N PHE A 89 -7.13 10.24 1.15
CA PHE A 89 -8.20 9.26 1.07
C PHE A 89 -9.47 9.82 1.68
N LEU A 90 -10.59 9.67 0.97
CA LEU A 90 -11.90 10.02 1.50
C LEU A 90 -12.77 8.78 1.50
N PHE A 91 -13.36 8.47 2.65
CA PHE A 91 -14.30 7.37 2.77
C PHE A 91 -15.69 7.98 2.89
N LEU A 92 -16.54 7.73 1.91
CA LEU A 92 -17.89 8.27 1.90
C LEU A 92 -18.91 7.13 1.97
N PRO A 93 -19.69 7.05 3.04
CA PRO A 93 -20.85 6.14 3.03
C PRO A 93 -21.91 6.79 2.18
N VAL A 94 -22.41 6.05 1.21
CA VAL A 94 -23.36 6.56 0.23
C VAL A 94 -24.74 6.01 0.55
N SER A 95 -25.63 6.90 1.02
CA SER A 95 -27.04 6.59 1.19
C SER A 95 -27.78 7.02 -0.06
N ASP A 96 -28.87 6.31 -0.39
CA ASP A 96 -29.74 6.73 -1.48
C ASP A 96 -30.97 7.49 -0.98
N ALA A 97 -30.92 8.04 0.24
CA ALA A 97 -32.02 8.83 0.75
C ALA A 97 -32.30 10.03 -0.16
N SER A 98 -33.56 10.44 -0.19
CA SER A 98 -33.94 11.59 -1.00
C SER A 98 -33.45 12.90 -0.39
N ASP A 99 -33.12 13.84 -1.29
CA ASP A 99 -32.80 15.21 -0.90
C ASP A 99 -34.04 16.09 -0.78
N THR A 100 -35.11 15.73 -1.48
CA THR A 100 -36.32 16.58 -1.59
C THR A 100 -37.61 15.97 -1.04
N ASP A 101 -37.62 14.69 -0.74
CA ASP A 101 -38.83 13.94 -0.31
C ASP A 101 -38.63 13.46 1.12
N ARG A 102 -39.42 13.91 2.05
CA ARG A 102 -39.35 13.57 3.47
C ARG A 102 -39.60 12.10 3.73
N HIS A 103 -40.37 11.40 2.93
CA HIS A 103 -40.75 10.01 3.21
C HIS A 103 -39.72 9.00 2.71
N GLN A 104 -38.98 9.32 1.66
CA GLN A 104 -37.97 8.38 1.09
C GLN A 104 -36.66 8.64 1.86
N ARG A 105 -36.40 7.87 2.94
CA ARG A 105 -35.24 8.02 3.82
C ARG A 105 -34.13 7.05 3.47
N GLY A 106 -34.25 6.33 2.36
CA GLY A 106 -33.19 5.46 1.90
C GLY A 106 -33.58 4.00 1.86
N SER A 107 -32.87 3.26 1.01
CA SER A 107 -33.02 1.82 0.91
C SER A 107 -31.69 1.08 0.95
N HIS A 108 -30.55 1.76 0.78
CA HIS A 108 -29.32 1.05 0.48
C HIS A 108 -28.13 1.90 0.86
N TRP A 109 -27.08 1.25 1.32
CA TRP A 109 -25.80 1.88 1.61
C TRP A 109 -24.73 1.26 0.71
N SER A 110 -23.82 2.09 0.23
CA SER A 110 -22.61 1.64 -0.45
C SER A 110 -21.45 2.52 -0.01
N LEU A 111 -20.25 2.22 -0.52
CA LEU A 111 -19.04 2.88 -0.07
C LEU A 111 -18.27 3.44 -1.25
N LEU A 112 -17.91 4.73 -1.14
CA LEU A 112 -17.02 5.38 -2.10
C LEU A 112 -15.71 5.72 -1.41
N LEU A 113 -14.60 5.17 -1.94
CA LEU A 113 -13.25 5.51 -1.50
C LEU A 113 -12.63 6.38 -2.57
N VAL A 114 -12.32 7.62 -2.24
CA VAL A 114 -11.67 8.53 -3.18
C VAL A 114 -10.18 8.54 -2.85
N ASP A 115 -9.37 8.12 -3.83
CA ASP A 115 -7.92 8.10 -3.74
C ASP A 115 -7.42 9.36 -4.47
N ARG A 116 -6.90 10.30 -3.70
CA ARG A 116 -6.46 11.59 -4.20
C ARG A 116 -4.93 11.68 -4.28
N ARG A 117 -4.23 10.56 -4.15
CA ARG A 117 -2.77 10.61 -4.04
C ARG A 117 -2.15 11.22 -5.29
N ASP A 118 -2.50 10.69 -6.47
CA ASP A 118 -2.09 11.30 -7.74
C ASP A 118 -2.98 12.52 -7.92
N ARG A 119 -2.49 13.68 -7.46
CA ARG A 119 -3.28 14.89 -7.39
C ARG A 119 -3.78 15.35 -8.76
N GLY A 120 -3.32 14.73 -9.84
CA GLY A 120 -3.83 14.93 -11.19
C GLY A 120 -4.77 13.85 -11.72
N ARG A 121 -4.76 12.64 -11.14
CA ARG A 121 -5.65 11.51 -11.50
C ARG A 121 -6.36 10.98 -10.24
N ARG A 122 -7.38 11.67 -9.80
CA ARG A 122 -8.16 11.27 -8.61
C ARG A 122 -9.09 10.14 -9.02
N VAL A 123 -9.15 9.05 -8.25
CA VAL A 123 -10.04 7.92 -8.59
C VAL A 123 -11.03 7.69 -7.44
N ALA A 124 -12.30 7.49 -7.75
CA ALA A 124 -13.33 7.18 -6.76
C ALA A 124 -13.76 5.74 -6.96
N TYR A 125 -13.36 4.87 -6.05
CA TYR A 125 -13.68 3.45 -6.12
C TYR A 125 -15.01 3.22 -5.43
N HIS A 126 -15.99 2.66 -6.15
CA HIS A 126 -17.33 2.45 -5.61
C HIS A 126 -17.55 0.98 -5.31
N TYR A 127 -17.71 0.67 -4.02
CA TYR A 127 -17.92 -0.68 -3.53
C TYR A 127 -19.38 -0.79 -3.14
N ASP A 128 -20.12 -1.62 -3.86
CA ASP A 128 -21.54 -1.77 -3.60
C ASP A 128 -21.86 -3.25 -3.48
N SER A 129 -22.34 -3.66 -2.30
CA SER A 129 -22.67 -5.06 -2.06
C SER A 129 -23.92 -5.51 -2.82
N THR A 130 -24.60 -4.60 -3.51
CA THR A 130 -25.54 -4.95 -4.57
C THR A 130 -25.04 -4.24 -5.83
N GLN A 131 -24.22 -4.91 -6.61
CA GLN A 131 -23.49 -4.28 -7.71
C GLN A 131 -24.42 -3.43 -8.58
N GLY A 132 -24.05 -2.16 -8.74
CA GLY A 132 -24.76 -1.26 -9.60
C GLY A 132 -25.81 -0.39 -8.93
N TYR A 133 -26.28 -0.78 -7.74
CA TYR A 133 -27.48 -0.16 -7.18
C TYR A 133 -27.31 1.34 -6.99
N ASN A 134 -26.20 1.76 -6.37
CA ASN A 134 -25.99 3.16 -6.04
C ASN A 134 -25.06 3.88 -7.04
N ASP A 135 -24.84 3.31 -8.23
CA ASP A 135 -23.83 3.86 -9.13
C ASP A 135 -24.14 5.31 -9.54
N GLY A 136 -25.42 5.64 -9.72
CA GLY A 136 -25.76 7.01 -10.11
C GLY A 136 -25.36 8.03 -9.07
N LEU A 137 -25.63 7.73 -7.80
CA LEU A 137 -25.21 8.64 -6.73
C LEU A 137 -23.69 8.66 -6.59
N ALA A 138 -23.06 7.48 -6.71
CA ALA A 138 -21.61 7.43 -6.66
C ALA A 138 -21.00 8.31 -7.74
N ALA A 139 -21.57 8.31 -8.95
CA ALA A 139 -21.04 9.11 -10.04
C ALA A 139 -21.20 10.60 -9.75
N GLU A 140 -22.35 11.00 -9.22
CA GLU A 140 -22.54 12.40 -8.87
C GLU A 140 -21.53 12.83 -7.80
N LEU A 141 -21.29 11.99 -6.80
CA LEU A 141 -20.34 12.37 -5.76
C LEU A 141 -18.92 12.39 -6.27
N ALA A 142 -18.56 11.41 -7.12
CA ALA A 142 -17.23 11.37 -7.70
C ALA A 142 -16.96 12.62 -8.53
N GLY A 143 -17.94 13.03 -9.33
CA GLY A 143 -17.79 14.24 -10.11
C GLY A 143 -17.63 15.49 -9.24
N ARG A 144 -18.35 15.55 -8.13
CA ARG A 144 -18.25 16.72 -7.27
C ARG A 144 -16.97 16.74 -6.48
N LEU A 145 -16.28 15.60 -6.38
CA LEU A 145 -14.95 15.53 -5.79
C LEU A 145 -13.86 15.48 -6.85
N ASP A 146 -14.16 15.88 -8.08
CA ASP A 146 -13.18 15.94 -9.16
C ASP A 146 -12.45 14.61 -9.34
N ALA A 147 -13.20 13.52 -9.33
CA ALA A 147 -12.61 12.19 -9.42
C ALA A 147 -13.35 11.35 -10.46
N ASN A 148 -12.62 10.40 -11.04
CA ASN A 148 -13.19 9.49 -12.02
C ASN A 148 -13.74 8.26 -11.31
N LEU A 149 -14.98 7.89 -11.63
CA LEU A 149 -15.64 6.78 -10.97
C LEU A 149 -15.14 5.45 -11.54
N GLN A 150 -14.80 4.53 -10.64
CA GLN A 150 -14.44 3.17 -11.00
C GLN A 150 -15.21 2.23 -10.09
N GLN A 151 -15.97 1.32 -10.69
CA GLN A 151 -16.60 0.26 -9.89
C GLN A 151 -15.51 -0.63 -9.32
N ALA A 152 -15.61 -0.95 -8.04
CA ALA A 152 -14.63 -1.78 -7.39
C ALA A 152 -15.30 -3.01 -6.79
N PRO A 153 -14.65 -4.16 -6.80
CA PRO A 153 -15.31 -5.39 -6.37
C PRO A 153 -15.44 -5.49 -4.84
N ILE A 154 -16.62 -5.93 -4.42
CA ILE A 154 -16.87 -6.25 -3.02
C ILE A 154 -17.77 -7.48 -2.98
N ARG A 155 -17.56 -8.32 -1.97
CA ARG A 155 -18.46 -9.43 -1.73
CA ARG A 155 -18.46 -9.43 -1.73
C ARG A 155 -19.91 -8.94 -1.78
N GLN A 156 -20.76 -9.69 -2.46
CA GLN A 156 -22.14 -9.31 -2.64
C GLN A 156 -22.98 -9.79 -1.46
N GLN A 157 -23.93 -8.96 -1.05
CA GLN A 157 -24.79 -9.29 0.07
C GLN A 157 -25.72 -10.45 -0.29
N GLN A 158 -25.98 -11.30 0.70
CA GLN A 158 -26.88 -12.44 0.53
C GLN A 158 -28.12 -12.31 1.41
N ASN A 159 -28.34 -11.12 1.98
CA ASN A 159 -29.58 -10.77 2.64
C ASN A 159 -29.84 -9.31 2.32
N SER A 160 -31.00 -8.82 2.74
CA SER A 160 -31.43 -7.48 2.38
C SER A 160 -31.27 -6.46 3.51
N TYR A 161 -30.42 -6.75 4.50
CA TYR A 161 -30.29 -5.85 5.64
C TYR A 161 -28.87 -5.51 6.05
N ASP A 162 -27.85 -6.17 5.48
CA ASP A 162 -26.47 -5.98 5.92
C ASP A 162 -25.65 -4.99 5.07
N CYS A 163 -26.26 -4.26 4.13
CA CYS A 163 -25.43 -3.36 3.30
C CYS A 163 -24.62 -2.38 4.13
N GLY A 164 -25.21 -1.82 5.20
CA GLY A 164 -24.45 -0.94 6.06
C GLY A 164 -23.26 -1.60 6.74
N VAL A 165 -23.39 -2.89 7.06
CA VAL A 165 -22.25 -3.60 7.65
C VAL A 165 -21.15 -3.81 6.63
N PHE A 166 -21.51 -4.11 5.37
CA PHE A 166 -20.51 -4.16 4.30
C PHE A 166 -19.75 -2.84 4.19
N VAL A 167 -20.47 -1.71 4.29
CA VAL A 167 -19.82 -0.40 4.20
C VAL A 167 -18.82 -0.23 5.33
N LEU A 168 -19.21 -0.59 6.55
CA LEU A 168 -18.37 -0.32 7.71
C LEU A 168 -17.19 -1.28 7.76
N ASP A 169 -17.45 -2.57 7.54
CA ASP A 169 -16.36 -3.54 7.54
C ASP A 169 -15.48 -3.39 6.32
N GLY A 170 -16.07 -3.00 5.18
CA GLY A 170 -15.25 -2.66 4.02
C GLY A 170 -14.32 -1.50 4.29
N THR A 171 -14.84 -0.44 4.93
CA THR A 171 -13.98 0.68 5.30
C THR A 171 -12.84 0.22 6.19
N ARG A 172 -13.16 -0.57 7.21
CA ARG A 172 -12.14 -1.01 8.16
C ARG A 172 -11.10 -1.89 7.49
N GLU A 173 -11.51 -2.76 6.57
CA GLU A 173 -10.54 -3.57 5.84
C GLU A 173 -9.69 -2.71 4.91
N LEU A 174 -10.31 -1.76 4.21
CA LEU A 174 -9.53 -0.87 3.35
C LEU A 174 -8.49 -0.08 4.14
N VAL A 175 -8.87 0.40 5.34
CA VAL A 175 -7.92 1.16 6.15
C VAL A 175 -6.73 0.29 6.53
N ARG A 176 -6.98 -0.97 6.92
CA ARG A 176 -5.89 -1.89 7.23
C ARG A 176 -4.99 -2.08 6.02
N ARG A 177 -5.57 -2.25 4.83
CA ARG A 177 -4.77 -2.43 3.63
C ARG A 177 -3.98 -1.17 3.29
N LEU A 178 -4.57 0.01 3.48
CA LEU A 178 -3.83 1.22 3.21
C LEU A 178 -2.68 1.42 4.19
N ALA A 179 -2.93 1.14 5.47
CA ALA A 179 -1.87 1.23 6.47
C ALA A 179 -0.74 0.26 6.16
N ALA A 180 -1.08 -0.91 5.64
CA ALA A 180 -0.09 -1.93 5.29
C ALA A 180 0.52 -1.73 3.91
N ARG A 181 0.08 -0.70 3.17
CA ARG A 181 0.53 -0.47 1.79
C ARG A 181 0.26 -1.64 0.87
N ARG A 182 -0.83 -2.38 1.11
CA ARG A 182 -1.19 -3.50 0.24
CA ARG A 182 -1.19 -3.49 0.24
C ARG A 182 -1.69 -2.96 -1.09
N PRO A 183 -1.22 -3.48 -2.23
CA PRO A 183 -1.68 -2.93 -3.51
C PRO A 183 -3.11 -3.30 -3.87
N ASP A 184 -3.62 -4.45 -3.44
CA ASP A 184 -4.92 -4.92 -3.94
C ASP A 184 -6.02 -4.48 -2.99
N LEU A 185 -6.91 -3.61 -3.48
CA LEU A 185 -8.09 -3.18 -2.73
C LEU A 185 -9.37 -3.88 -3.19
N ASN A 186 -9.25 -5.06 -3.79
CA ASN A 186 -10.39 -5.90 -4.16
C ASN A 186 -10.98 -6.49 -2.88
N LEU A 187 -12.27 -6.23 -2.62
CA LEU A 187 -12.93 -6.68 -1.40
C LEU A 187 -13.84 -7.88 -1.63
N ASN A 188 -13.58 -8.66 -2.68
CA ASN A 188 -14.38 -9.85 -2.90
C ASN A 188 -14.23 -10.86 -1.77
N ASN A 189 -13.13 -10.80 -1.03
CA ASN A 189 -12.88 -11.71 0.08
C ASN A 189 -13.27 -11.13 1.44
N LEU A 190 -14.01 -10.03 1.46
CA LEU A 190 -14.33 -9.36 2.70
C LEU A 190 -15.16 -10.25 3.61
N VAL A 191 -14.79 -10.29 4.88
CA VAL A 191 -15.55 -10.98 5.92
C VAL A 191 -16.23 -9.93 6.79
N ILE A 192 -17.58 -10.01 6.87
CA ILE A 192 -18.44 -9.10 7.61
CA ILE A 192 -18.40 -9.07 7.62
C ILE A 192 -18.71 -9.68 8.98
N SER A 193 -18.86 -8.81 9.98
CA SER A 193 -19.31 -9.24 11.31
C SER A 193 -20.26 -8.20 11.90
N ARG A 194 -21.55 -8.47 11.80
CA ARG A 194 -22.51 -7.60 12.47
C ARG A 194 -22.34 -7.65 13.97
N GLN A 195 -22.03 -8.84 14.52
CA GLN A 195 -21.89 -8.94 15.98
C GLN A 195 -20.75 -8.06 16.48
N GLU A 196 -19.60 -8.06 15.79
CA GLU A 196 -18.48 -7.23 16.23
C GLU A 196 -18.85 -5.75 16.14
N LEU A 197 -19.60 -5.35 15.12
CA LEU A 197 -20.06 -3.97 15.05
C LEU A 197 -20.96 -3.65 16.23
N ARG A 198 -21.90 -4.54 16.54
CA ARG A 198 -22.78 -4.30 17.68
C ARG A 198 -21.98 -4.22 18.97
N ASP A 199 -20.93 -5.03 19.09
CA ASP A 199 -20.05 -4.93 20.24
C ASP A 199 -19.38 -3.57 20.31
N ARG A 200 -18.89 -3.08 19.17
CA ARG A 200 -18.23 -1.76 19.17
C ARG A 200 -19.20 -0.66 19.55
N LEU A 201 -20.41 -0.69 18.98
CA LEU A 201 -21.39 0.34 19.26
C LEU A 201 -21.82 0.33 20.72
N GLY A 202 -21.83 -0.85 21.36
CA GLY A 202 -22.28 -0.92 22.74
C GLY A 202 -21.20 -0.61 23.76
N ALA A 203 -19.94 -0.69 23.38
CA ALA A 203 -18.84 -0.43 24.30
C ALA A 203 -19.00 0.94 24.94
N PRO B 21 34.25 -8.53 2.07
CA PRO B 21 35.31 -8.02 1.20
C PRO B 21 35.69 -6.56 1.50
N VAL B 22 36.95 -6.22 1.20
CA VAL B 22 37.47 -4.88 1.46
C VAL B 22 36.69 -3.87 0.63
N LEU B 23 36.36 -2.75 1.25
CA LEU B 23 35.67 -1.65 0.57
C LEU B 23 36.28 -0.32 1.01
N GLY B 24 36.77 0.45 0.03
CA GLY B 24 37.36 1.72 0.28
C GLY B 24 36.34 2.82 0.43
N PRO B 25 36.82 4.02 0.78
CA PRO B 25 35.90 5.13 1.07
C PRO B 25 35.07 5.58 -0.12
N THR B 26 35.62 5.52 -1.35
CA THR B 26 34.87 5.94 -2.52
C THR B 26 34.84 4.87 -3.60
N GLN B 27 35.27 3.66 -3.28
CA GLN B 27 35.23 2.56 -4.22
C GLN B 27 33.81 2.21 -4.63
N TRP B 28 33.65 1.96 -5.92
CA TRP B 28 32.39 1.40 -6.40
C TRP B 28 32.14 0.05 -5.74
N LEU B 29 30.91 -0.19 -5.30
CA LEU B 29 30.56 -1.51 -4.79
C LEU B 29 30.55 -2.54 -5.90
N GLY B 30 31.09 -3.71 -5.60
CA GLY B 30 30.93 -4.86 -6.45
C GLY B 30 29.83 -5.75 -5.93
N ASP B 31 29.50 -6.76 -6.73
CA ASP B 31 28.46 -7.68 -6.30
C ASP B 31 28.84 -8.37 -5.00
N GLU B 32 30.14 -8.58 -4.74
CA GLU B 32 30.57 -9.21 -3.50
C GLU B 32 30.21 -8.35 -2.29
N HIS B 33 30.31 -7.03 -2.41
CA HIS B 33 29.95 -6.17 -1.29
C HIS B 33 28.46 -6.20 -1.02
N ILE B 34 27.66 -6.12 -2.08
CA ILE B 34 26.20 -6.18 -1.95
C ILE B 34 25.78 -7.52 -1.39
N GLN B 35 26.32 -8.62 -1.93
CA GLN B 35 25.95 -9.92 -1.44
C GLN B 35 26.34 -10.10 0.02
N ARG B 36 27.52 -9.64 0.42
CA ARG B 36 27.93 -9.80 1.82
C ARG B 36 26.97 -9.07 2.75
N ASP B 37 26.61 -7.82 2.43
CA ASP B 37 25.69 -7.10 3.30
C ASP B 37 24.31 -7.73 3.31
N TYR B 38 23.85 -8.28 2.18
CA TYR B 38 22.59 -9.00 2.15
C TYR B 38 22.66 -10.27 3.01
N GLU B 39 23.81 -10.93 3.08
CA GLU B 39 23.94 -12.09 3.94
C GLU B 39 23.86 -11.68 5.41
N LEU B 40 24.55 -10.60 5.76
CA LEU B 40 24.49 -10.10 7.13
C LEU B 40 23.08 -9.70 7.49
N LEU B 41 22.37 -9.03 6.58
CA LEU B 41 21.02 -8.59 6.85
C LEU B 41 20.08 -9.78 6.99
N ALA B 42 20.25 -10.79 6.15
CA ALA B 42 19.39 -11.96 6.23
C ALA B 42 19.53 -12.63 7.60
N GLN B 43 20.75 -12.73 8.09
CA GLN B 43 20.98 -13.28 9.43
C GLN B 43 20.35 -12.39 10.49
N GLU B 44 20.53 -11.07 10.36
CA GLU B 44 19.91 -10.14 11.30
C GLU B 44 18.40 -10.34 11.35
N LEU B 45 17.74 -10.36 10.19
CA LEU B 45 16.29 -10.46 10.15
C LEU B 45 15.79 -11.80 10.67
N GLN B 46 16.55 -12.88 10.44
CA GLN B 46 16.14 -14.19 10.93
C GLN B 46 16.18 -14.24 12.45
N GLN B 47 17.05 -13.46 13.07
CA GLN B 47 17.12 -13.43 14.53
C GLN B 47 16.07 -12.49 15.13
N ASN B 48 15.80 -11.37 14.46
CA ASN B 48 14.85 -10.40 15.01
C ASN B 48 13.41 -10.75 14.67
N ASN B 49 13.17 -11.40 13.54
CA ASN B 49 11.82 -11.80 13.18
C ASN B 49 11.87 -12.97 12.21
N PRO B 50 11.94 -14.21 12.72
CA PRO B 50 11.91 -15.38 11.82
C PRO B 50 10.73 -15.37 10.86
N ASP B 51 9.57 -14.83 11.27
CA ASP B 51 8.39 -14.88 10.42
C ASP B 51 8.57 -14.06 9.16
N LEU B 52 8.92 -12.78 9.31
CA LEU B 52 9.13 -11.95 8.12
C LEU B 52 10.32 -12.44 7.30
N ALA B 53 11.37 -12.92 7.96
CA ALA B 53 12.51 -13.48 7.23
C ALA B 53 12.07 -14.60 6.31
N ALA B 54 11.19 -15.48 6.80
CA ALA B 54 10.74 -16.61 6.00
C ALA B 54 9.99 -16.16 4.76
N ARG B 55 9.37 -14.97 4.80
CA ARG B 55 8.59 -14.47 3.68
C ARG B 55 9.35 -13.44 2.85
N THR B 56 10.64 -13.28 3.11
CA THR B 56 11.44 -12.25 2.46
C THR B 56 12.62 -12.91 1.75
N ARG B 57 12.93 -12.42 0.56
CA ARG B 57 14.08 -12.90 -0.21
C ARG B 57 15.02 -11.74 -0.46
N PHE B 58 16.27 -11.88 -0.01
CA PHE B 58 17.35 -10.95 -0.35
C PHE B 58 18.13 -11.61 -1.48
N VAL B 59 17.86 -11.17 -2.70
CA VAL B 59 18.33 -11.88 -3.87
C VAL B 59 19.75 -11.45 -4.17
N ASP B 60 20.64 -12.43 -4.29
CA ASP B 60 22.02 -12.18 -4.70
C ASP B 60 22.03 -11.37 -6.00
N PRO B 61 22.83 -10.30 -6.08
CA PRO B 61 22.85 -9.49 -7.30
C PRO B 61 23.18 -10.29 -8.55
N LEU B 62 23.99 -11.34 -8.44
CA LEU B 62 24.24 -12.18 -9.60
C LEU B 62 23.01 -12.95 -10.01
N ILE B 63 22.24 -13.45 -9.04
CA ILE B 63 21.00 -14.17 -9.35
C ILE B 63 19.97 -13.22 -9.93
N ALA B 64 19.93 -11.98 -9.42
CA ALA B 64 19.04 -10.97 -10.01
C ALA B 64 19.37 -10.73 -11.47
N GLN B 65 20.67 -10.73 -11.83
CA GLN B 65 21.02 -10.61 -13.24
C GLN B 65 20.59 -11.85 -14.02
N MET B 66 20.75 -13.03 -13.43
CA MET B 66 20.33 -14.26 -14.10
C MET B 66 18.85 -14.20 -14.44
N LEU B 67 18.06 -13.58 -13.57
CA LEU B 67 16.62 -13.51 -13.80
C LEU B 67 16.29 -12.77 -15.08
N ARG B 68 17.18 -11.87 -15.54
CA ARG B 68 16.97 -11.18 -16.80
C ARG B 68 17.87 -11.71 -17.91
N SER B 69 18.36 -12.94 -17.77
CA SER B 69 19.24 -13.51 -18.78
C SER B 69 18.50 -13.65 -20.11
N PRO B 70 19.22 -13.53 -21.23
CA PRO B 70 18.60 -13.91 -22.52
C PRO B 70 18.38 -15.42 -22.67
N SER B 71 18.99 -16.25 -21.82
CA SER B 71 18.78 -17.69 -21.87
C SER B 71 17.60 -18.06 -20.99
N LYS B 72 16.53 -18.58 -21.61
CA LYS B 72 15.38 -19.04 -20.87
C LYS B 72 15.77 -19.95 -19.71
N GLU B 73 16.70 -20.88 -19.96
CA GLU B 73 17.08 -21.88 -18.98
C GLU B 73 17.79 -21.25 -17.78
N VAL B 74 18.66 -20.27 -18.02
CA VAL B 74 19.31 -19.57 -16.92
C VAL B 74 18.28 -18.81 -16.09
N ALA B 75 17.39 -18.09 -16.76
CA ALA B 75 16.41 -17.28 -16.04
C ALA B 75 15.46 -18.16 -15.21
N GLU B 76 15.05 -19.30 -15.77
CA GLU B 76 14.11 -20.17 -15.06
C GLU B 76 14.77 -20.84 -13.87
N ARG B 77 16.05 -21.18 -14.00
CA ARG B 77 16.77 -21.73 -12.86
C ARG B 77 16.87 -20.70 -11.74
N ALA B 78 17.21 -19.45 -12.09
CA ALA B 78 17.30 -18.40 -11.07
C ALA B 78 15.95 -18.18 -10.40
N LEU B 79 14.87 -18.18 -11.18
CA LEU B 79 13.55 -18.01 -10.58
C LEU B 79 13.27 -19.13 -9.58
N GLY B 80 13.62 -20.37 -9.93
CA GLY B 80 13.42 -21.45 -8.99
C GLY B 80 14.19 -21.25 -7.71
N TRP B 81 15.40 -20.72 -7.81
CA TRP B 81 16.23 -20.52 -6.63
C TRP B 81 15.64 -19.48 -5.68
N VAL B 82 15.00 -18.46 -6.24
CA VAL B 82 14.42 -17.39 -5.43
C VAL B 82 13.22 -17.88 -4.65
N ARG B 83 12.60 -18.99 -5.05
CA ARG B 83 11.44 -19.54 -4.37
C ARG B 83 10.38 -18.45 -4.22
N PRO B 84 10.02 -17.76 -5.31
CA PRO B 84 9.17 -16.55 -5.16
C PRO B 84 7.74 -16.87 -4.71
N GLY B 85 7.27 -18.10 -4.91
CA GLY B 85 5.88 -18.41 -4.62
C GLY B 85 5.52 -18.31 -3.16
N THR B 86 6.46 -18.64 -2.27
CA THR B 86 6.27 -18.57 -0.84
C THR B 86 6.80 -17.26 -0.25
N ALA B 87 7.07 -16.27 -1.10
CA ALA B 87 7.65 -15.01 -0.65
C ALA B 87 6.61 -13.90 -0.72
N ASP B 88 6.66 -13.00 0.26
CA ASP B 88 5.90 -11.77 0.21
C ASP B 88 6.70 -10.60 -0.35
N PHE B 89 8.01 -10.57 -0.10
CA PHE B 89 8.85 -9.48 -0.55
C PHE B 89 10.11 -10.04 -1.17
N LEU B 90 10.45 -9.55 -2.35
CA LEU B 90 11.73 -9.82 -2.98
C LEU B 90 12.53 -8.53 -3.07
N PHE B 91 13.75 -8.55 -2.54
CA PHE B 91 14.67 -7.43 -2.70
C PHE B 91 15.72 -7.81 -3.74
N LEU B 92 15.72 -7.11 -4.86
CA LEU B 92 16.65 -7.40 -5.94
C LEU B 92 17.59 -6.23 -6.17
N PRO B 93 18.89 -6.39 -5.95
CA PRO B 93 19.82 -5.37 -6.42
C PRO B 93 19.99 -5.48 -7.93
N VAL B 94 19.82 -4.37 -8.62
CA VAL B 94 19.82 -4.36 -10.08
C VAL B 94 21.14 -3.76 -10.55
N SER B 95 21.99 -4.60 -11.14
CA SER B 95 23.18 -4.18 -11.87
C SER B 95 22.83 -4.01 -13.34
N ASP B 96 23.48 -3.05 -13.99
CA ASP B 96 23.40 -2.89 -15.44
C ASP B 96 24.58 -3.55 -16.17
N ALA B 97 25.24 -4.52 -15.54
CA ALA B 97 26.28 -5.27 -16.24
C ALA B 97 25.69 -5.99 -17.44
N SER B 98 26.53 -6.19 -18.45
CA SER B 98 26.11 -6.88 -19.66
C SER B 98 26.00 -8.39 -19.42
N ASP B 99 25.06 -9.00 -20.14
CA ASP B 99 24.87 -10.43 -20.20
C ASP B 99 25.74 -11.10 -21.26
N THR B 100 26.24 -10.34 -22.24
CA THR B 100 26.96 -10.90 -23.37
C THR B 100 28.34 -10.31 -23.58
N ASP B 101 28.63 -9.11 -23.05
CA ASP B 101 29.89 -8.42 -23.28
C ASP B 101 30.74 -8.58 -22.03
N ARG B 102 31.85 -9.27 -22.16
CA ARG B 102 32.71 -9.51 -21.01
C ARG B 102 33.23 -8.22 -20.40
N HIS B 103 33.43 -7.23 -21.22
CA HIS B 103 34.08 -5.98 -20.79
C HIS B 103 33.14 -5.01 -20.10
N GLN B 104 31.84 -5.15 -20.25
CA GLN B 104 30.94 -4.17 -19.66
C GLN B 104 30.37 -4.80 -18.39
N ARG B 105 31.06 -4.56 -17.29
CA ARG B 105 30.78 -5.18 -15.98
C ARG B 105 29.86 -4.30 -15.15
N GLY B 106 29.33 -3.22 -15.72
CA GLY B 106 28.38 -2.41 -14.98
C GLY B 106 28.83 -0.99 -14.73
N SER B 107 27.85 -0.13 -14.52
CA SER B 107 28.08 1.27 -14.16
C SER B 107 27.23 1.73 -13.00
N HIS B 108 26.18 1.00 -12.63
CA HIS B 108 25.18 1.55 -11.75
C HIS B 108 24.40 0.45 -11.05
N TRP B 109 24.00 0.74 -9.82
CA TRP B 109 23.19 -0.14 -9.01
C TRP B 109 21.88 0.56 -8.67
N SER B 110 20.79 -0.19 -8.66
CA SER B 110 19.50 0.31 -8.17
C SER B 110 18.80 -0.84 -7.44
N LEU B 111 17.62 -0.56 -6.89
CA LEU B 111 16.91 -1.54 -6.09
C LEU B 111 15.50 -1.73 -6.62
N LEU B 112 15.11 -3.00 -6.74
CA LEU B 112 13.75 -3.40 -7.06
C LEU B 112 13.18 -4.18 -5.89
N LEU B 113 12.10 -3.66 -5.30
CA LEU B 113 11.35 -4.33 -4.25
C LEU B 113 10.06 -4.86 -4.88
N VAL B 114 9.89 -6.17 -4.88
CA VAL B 114 8.68 -6.81 -5.39
C VAL B 114 7.82 -7.17 -4.20
N ASP B 115 6.63 -6.56 -4.13
CA ASP B 115 5.63 -6.84 -3.12
C ASP B 115 4.66 -7.83 -3.73
N ARG B 116 4.69 -9.06 -3.22
CA ARG B 116 3.87 -10.14 -3.75
C ARG B 116 2.75 -10.54 -2.79
N ARG B 117 2.53 -9.76 -1.73
CA ARG B 117 1.55 -10.16 -0.73
C ARG B 117 0.17 -10.39 -1.35
N ASP B 118 -0.16 -9.66 -2.41
CA ASP B 118 -1.44 -9.79 -3.11
C ASP B 118 -1.13 -10.47 -4.43
N ARG B 119 -1.30 -11.79 -4.47
CA ARG B 119 -0.90 -12.56 -5.65
C ARG B 119 -1.65 -12.12 -6.90
N GLY B 120 -2.79 -11.44 -6.75
CA GLY B 120 -3.51 -10.89 -7.87
C GLY B 120 -3.16 -9.48 -8.24
N ARG B 121 -2.23 -8.85 -7.52
CA ARG B 121 -1.69 -7.55 -7.92
C ARG B 121 -0.30 -7.41 -7.28
N ARG B 122 0.69 -7.96 -7.98
CA ARG B 122 2.08 -7.85 -7.54
C ARG B 122 2.69 -6.57 -8.09
N VAL B 123 3.45 -5.87 -7.25
CA VAL B 123 4.02 -4.58 -7.62
C VAL B 123 5.52 -4.62 -7.41
N ALA B 124 6.26 -4.08 -8.37
CA ALA B 124 7.72 -3.97 -8.34
C ALA B 124 8.06 -2.50 -8.20
N TYR B 125 8.54 -2.11 -7.02
CA TYR B 125 8.92 -0.74 -6.76
C TYR B 125 10.40 -0.58 -7.06
N HIS B 126 10.72 0.35 -7.96
CA HIS B 126 12.10 0.58 -8.38
C HIS B 126 12.62 1.85 -7.73
N TYR B 127 13.64 1.70 -6.88
CA TYR B 127 14.31 2.81 -6.23
C TYR B 127 15.66 3.02 -6.92
N ASP B 128 15.82 4.14 -7.62
CA ASP B 128 17.05 4.44 -8.32
C ASP B 128 17.58 5.79 -7.87
N SER B 129 18.76 5.79 -7.24
CA SER B 129 19.39 7.03 -6.78
C SER B 129 19.88 7.91 -7.91
N THR B 130 19.79 7.45 -9.16
CA THR B 130 19.82 8.32 -10.34
C THR B 130 18.51 8.04 -11.09
N GLN B 131 17.47 8.82 -10.78
CA GLN B 131 16.12 8.48 -11.24
C GLN B 131 16.11 8.19 -12.73
N GLY B 132 15.55 7.04 -13.10
CA GLY B 132 15.39 6.65 -14.47
C GLY B 132 16.51 5.82 -15.06
N TYR B 133 17.68 5.77 -14.42
CA TYR B 133 18.86 5.20 -15.06
C TYR B 133 18.67 3.73 -15.40
N ASN B 134 18.20 2.93 -14.45
CA ASN B 134 18.05 1.48 -14.64
C ASN B 134 16.62 1.08 -14.96
N ASP B 135 15.79 2.01 -15.43
CA ASP B 135 14.37 1.72 -15.59
C ASP B 135 14.12 0.57 -16.56
N GLY B 136 14.90 0.49 -17.64
CA GLY B 136 14.71 -0.58 -18.61
C GLY B 136 14.91 -1.95 -17.98
N LEU B 137 16.01 -2.13 -17.25
CA LEU B 137 16.26 -3.39 -16.58
C LEU B 137 15.20 -3.68 -15.52
N ALA B 138 14.76 -2.65 -14.80
CA ALA B 138 13.73 -2.85 -13.79
C ALA B 138 12.45 -3.38 -14.44
N ALA B 139 12.16 -2.91 -15.65
CA ALA B 139 10.95 -3.33 -16.35
C ALA B 139 11.07 -4.77 -16.85
N GLU B 140 12.24 -5.15 -17.35
CA GLU B 140 12.46 -6.55 -17.70
C GLU B 140 12.26 -7.44 -16.49
N LEU B 141 12.87 -7.09 -15.36
CA LEU B 141 12.77 -7.93 -14.17
C LEU B 141 11.34 -7.97 -13.65
N ALA B 142 10.65 -6.82 -13.64
CA ALA B 142 9.27 -6.79 -13.17
C ALA B 142 8.38 -7.69 -14.04
N GLY B 143 8.59 -7.64 -15.34
CA GLY B 143 7.82 -8.49 -16.24
C GLY B 143 8.05 -9.97 -15.98
N ARG B 144 9.30 -10.35 -15.77
CA ARG B 144 9.62 -11.76 -15.55
C ARG B 144 9.16 -12.25 -14.18
N LEU B 145 8.86 -11.34 -13.26
CA LEU B 145 8.27 -11.70 -11.99
C LEU B 145 6.77 -11.43 -11.99
N ASP B 146 6.22 -11.15 -13.17
CA ASP B 146 4.78 -10.84 -13.39
C ASP B 146 4.28 -9.79 -12.40
N ALA B 147 5.03 -8.70 -12.25
CA ALA B 147 4.66 -7.60 -11.37
C ALA B 147 4.55 -6.33 -12.20
N ASN B 148 3.72 -5.41 -11.72
CA ASN B 148 3.60 -4.11 -12.34
C ASN B 148 4.71 -3.20 -11.82
N LEU B 149 5.41 -2.53 -12.73
CA LEU B 149 6.53 -1.69 -12.34
C LEU B 149 6.01 -0.33 -11.87
N GLN B 150 6.53 0.17 -10.76
CA GLN B 150 6.21 1.48 -10.21
C GLN B 150 7.53 2.15 -9.79
N GLN B 151 7.85 3.30 -10.33
CA GLN B 151 8.99 4.10 -9.85
C GLN B 151 8.70 4.48 -8.40
N ALA B 152 9.62 4.34 -7.49
CA ALA B 152 9.35 4.67 -6.09
C ALA B 152 10.35 5.77 -5.66
N PRO B 153 10.04 6.62 -4.68
CA PRO B 153 10.97 7.69 -4.39
C PRO B 153 12.14 7.31 -3.48
N ILE B 154 13.34 7.74 -3.83
CA ILE B 154 14.53 7.56 -3.00
C ILE B 154 15.36 8.82 -3.13
N ARG B 155 16.03 9.19 -2.04
CA ARG B 155 16.99 10.28 -2.09
C ARG B 155 17.98 10.05 -3.23
N GLN B 156 18.31 11.12 -3.93
CA GLN B 156 19.19 11.02 -5.10
C GLN B 156 20.65 11.16 -4.71
N GLN B 157 21.49 10.42 -5.43
CA GLN B 157 22.92 10.43 -5.14
C GLN B 157 23.55 11.77 -5.54
N GLN B 158 24.52 12.21 -4.74
CA GLN B 158 25.24 13.44 -4.99
C GLN B 158 26.71 13.18 -5.33
N ASN B 159 27.07 11.94 -5.64
CA ASN B 159 28.40 11.60 -6.14
C ASN B 159 28.21 10.44 -7.11
N SER B 160 29.30 10.01 -7.76
CA SER B 160 29.23 8.98 -8.78
C SER B 160 29.69 7.60 -8.28
N TYR B 161 29.71 7.38 -6.96
CA TYR B 161 30.22 6.14 -6.41
C TYR B 161 29.35 5.47 -5.35
N ASP B 162 28.32 6.13 -4.82
CA ASP B 162 27.57 5.57 -3.69
C ASP B 162 26.27 4.85 -4.09
N CYS B 163 26.01 4.61 -5.38
CA CYS B 163 24.76 3.95 -5.74
C CYS B 163 24.55 2.63 -5.02
N GLY B 164 25.59 1.80 -4.88
CA GLY B 164 25.40 0.54 -4.21
C GLY B 164 25.07 0.70 -2.73
N VAL B 165 25.56 1.77 -2.12
CA VAL B 165 25.22 2.07 -0.73
C VAL B 165 23.74 2.44 -0.62
N PHE B 166 23.24 3.21 -1.58
CA PHE B 166 21.81 3.52 -1.60
C PHE B 166 20.98 2.23 -1.66
N VAL B 167 21.42 1.26 -2.48
CA VAL B 167 20.70 0.00 -2.59
C VAL B 167 20.68 -0.72 -1.25
N LEU B 168 21.83 -0.80 -0.59
CA LEU B 168 21.91 -1.56 0.66
C LEU B 168 21.18 -0.85 1.79
N ASP B 169 21.42 0.46 1.93
CA ASP B 169 20.78 1.19 3.02
C ASP B 169 19.28 1.33 2.78
N GLY B 170 18.86 1.44 1.52
CA GLY B 170 17.44 1.45 1.22
C GLY B 170 16.79 0.13 1.56
N THR B 171 17.46 -0.99 1.22
CA THR B 171 16.95 -2.30 1.63
C THR B 171 16.83 -2.38 3.14
N ARG B 172 17.86 -1.93 3.85
CA ARG B 172 17.86 -2.03 5.31
C ARG B 172 16.75 -1.19 5.91
N GLU B 173 16.51 0.00 5.36
CA GLU B 173 15.47 0.87 5.92
C GLU B 173 14.09 0.30 5.62
N LEU B 174 13.89 -0.24 4.42
CA LEU B 174 12.60 -0.84 4.11
C LEU B 174 12.34 -2.05 5.02
N VAL B 175 13.36 -2.87 5.26
CA VAL B 175 13.22 -4.02 6.15
C VAL B 175 12.90 -3.55 7.57
N ARG B 176 13.61 -2.54 8.06
CA ARG B 176 13.36 -2.04 9.41
C ARG B 176 11.92 -1.57 9.57
N ARG B 177 11.39 -0.87 8.55
CA ARG B 177 10.00 -0.42 8.62
C ARG B 177 9.05 -1.61 8.65
N LEU B 178 9.30 -2.62 7.81
CA LEU B 178 8.45 -3.81 7.81
C LEU B 178 8.56 -4.56 9.12
N ALA B 179 9.76 -4.65 9.68
CA ALA B 179 9.95 -5.35 10.96
C ALA B 179 9.27 -4.62 12.11
N ALA B 180 9.07 -3.31 11.98
CA ALA B 180 8.35 -2.53 12.97
C ALA B 180 6.86 -2.44 12.68
N ARG B 181 6.39 -3.14 11.64
CA ARG B 181 5.00 -3.05 11.19
C ARG B 181 4.60 -1.60 10.94
N ARG B 182 5.51 -0.84 10.32
CA ARG B 182 5.26 0.55 9.93
C ARG B 182 5.60 0.71 8.45
N PRO B 183 4.90 0.01 7.57
CA PRO B 183 5.27 0.05 6.14
C PRO B 183 5.16 1.46 5.59
N ASP B 184 6.23 1.92 4.95
CA ASP B 184 6.26 3.20 4.27
C ASP B 184 7.25 3.01 3.13
N LEU B 185 6.80 3.24 1.89
CA LEU B 185 7.62 2.98 0.71
C LEU B 185 8.36 4.21 0.23
N ASN B 186 8.29 5.33 0.96
CA ASN B 186 8.95 6.56 0.57
C ASN B 186 10.33 6.60 1.21
N LEU B 187 11.37 6.57 0.38
CA LEU B 187 12.75 6.67 0.85
C LEU B 187 13.38 8.01 0.52
N ASN B 188 12.58 9.05 0.27
CA ASN B 188 13.16 10.37 0.05
C ASN B 188 13.94 10.86 1.26
N ASN B 189 13.66 10.33 2.46
CA ASN B 189 14.35 10.74 3.67
C ASN B 189 15.48 9.78 4.04
N LEU B 190 15.88 8.91 3.11
CA LEU B 190 16.92 7.94 3.43
C LEU B 190 18.23 8.62 3.77
N VAL B 191 18.86 8.14 4.85
CA VAL B 191 20.20 8.54 5.25
C VAL B 191 21.10 7.33 4.99
N ILE B 192 22.06 7.49 4.10
CA ILE B 192 22.96 6.39 3.77
C ILE B 192 24.24 6.57 4.57
N SER B 193 24.93 5.47 4.86
CA SER B 193 26.20 5.55 5.58
C SER B 193 27.18 4.55 4.97
N ARG B 194 28.04 5.05 4.08
CA ARG B 194 29.16 4.25 3.60
C ARG B 194 30.02 3.77 4.78
N GLN B 195 30.23 4.62 5.77
CA GLN B 195 31.09 4.23 6.89
C GLN B 195 30.50 3.03 7.64
N GLU B 196 29.21 3.07 7.94
CA GLU B 196 28.60 1.97 8.66
C GLU B 196 28.68 0.67 7.86
N LEU B 197 28.52 0.78 6.54
CA LEU B 197 28.68 -0.40 5.68
C LEU B 197 30.08 -0.95 5.79
N ARG B 198 31.09 -0.09 5.69
CA ARG B 198 32.48 -0.55 5.78
C ARG B 198 32.75 -1.21 7.12
N ASP B 199 32.17 -0.67 8.20
CA ASP B 199 32.29 -1.30 9.51
C ASP B 199 31.62 -2.67 9.53
N ARG B 200 30.43 -2.78 8.94
CA ARG B 200 29.76 -4.08 8.90
C ARG B 200 30.58 -5.11 8.11
N LEU B 201 31.15 -4.69 6.98
CA LEU B 201 31.92 -5.63 6.17
C LEU B 201 33.22 -6.01 6.84
N GLY B 202 33.84 -5.08 7.56
CA GLY B 202 35.09 -5.34 8.24
C GLY B 202 34.94 -5.90 9.63
N ALA B 203 33.72 -6.25 10.04
CA ALA B 203 33.48 -6.80 11.37
C ALA B 203 33.90 -8.27 11.42
N ALA C 15 32.13 -42.73 -8.53
CA ALA C 15 33.38 -42.00 -8.50
C ALA C 15 33.30 -40.71 -9.30
N HIS C 16 33.09 -40.81 -10.61
CA HIS C 16 33.11 -39.67 -11.49
C HIS C 16 31.69 -39.23 -11.84
N ILE C 17 31.52 -37.91 -12.00
CA ILE C 17 30.27 -37.36 -12.52
C ILE C 17 30.60 -36.33 -13.58
N ASN C 18 29.64 -36.13 -14.48
CA ASN C 18 29.72 -35.11 -15.51
C ASN C 18 28.95 -33.88 -15.04
N LEU C 19 29.60 -32.74 -15.07
CA LEU C 19 28.98 -31.48 -14.70
C LEU C 19 29.04 -30.53 -15.87
N LYS C 20 28.03 -29.68 -15.97
CA LYS C 20 27.94 -28.66 -17.00
C LYS C 20 28.14 -27.30 -16.36
N VAL C 21 29.01 -26.48 -16.93
CA VAL C 21 29.11 -25.08 -16.52
C VAL C 21 28.38 -24.27 -17.58
N LYS C 22 27.37 -23.52 -17.16
CA LYS C 22 26.52 -22.74 -18.05
C LYS C 22 26.83 -21.25 -17.83
N GLY C 23 27.25 -20.58 -18.92
CA GLY C 23 27.47 -19.15 -18.86
C GLY C 23 26.18 -18.34 -18.97
N GLN C 24 26.30 -17.05 -18.62
CA GLN C 24 25.13 -16.18 -18.57
C GLN C 24 24.54 -15.91 -19.95
N ASP C 25 25.31 -16.08 -21.01
CA ASP C 25 24.80 -15.98 -22.37
C ASP C 25 24.29 -17.31 -22.90
N GLY C 26 24.37 -18.37 -22.11
CA GLY C 26 23.86 -19.67 -22.50
C GLY C 26 24.92 -20.68 -22.89
N ASN C 27 26.17 -20.26 -23.08
CA ASN C 27 27.20 -21.20 -23.53
C ASN C 27 27.43 -22.29 -22.47
N GLU C 28 27.86 -23.46 -22.93
CA GLU C 28 27.98 -24.62 -22.06
C GLU C 28 29.32 -25.32 -22.25
N VAL C 29 29.95 -25.68 -21.13
CA VAL C 29 31.17 -26.46 -21.12
C VAL C 29 30.99 -27.61 -20.13
N PHE C 30 31.36 -28.82 -20.55
CA PHE C 30 31.17 -30.00 -19.72
C PHE C 30 32.50 -30.47 -19.16
N PHE C 31 32.46 -30.97 -17.93
CA PHE C 31 33.63 -31.54 -17.28
C PHE C 31 33.27 -32.86 -16.64
N ARG C 32 34.23 -33.78 -16.62
CA ARG C 32 34.13 -35.02 -15.89
C ARG C 32 35.09 -34.91 -14.71
N ILE C 33 34.56 -35.12 -13.50
CA ILE C 33 35.29 -34.84 -12.27
C ILE C 33 34.95 -35.93 -11.27
N LYS C 34 35.93 -36.33 -10.47
CA LYS C 34 35.65 -37.19 -9.34
C LYS C 34 34.82 -36.44 -8.31
N ARG C 35 33.91 -37.15 -7.66
CA ARG C 35 33.06 -36.52 -6.67
C ARG C 35 33.86 -35.98 -5.48
N SER C 36 35.11 -36.44 -5.33
CA SER C 36 36.00 -36.04 -4.25
C SER C 36 36.92 -34.88 -4.62
N THR C 37 36.95 -34.48 -5.87
CA THR C 37 37.87 -33.41 -6.30
C THR C 37 37.30 -32.05 -5.86
N GLN C 38 38.16 -31.16 -5.39
CA GLN C 38 37.72 -29.82 -5.00
C GLN C 38 37.42 -29.04 -6.29
N LEU C 39 36.40 -28.23 -6.25
CA LEU C 39 35.90 -27.59 -7.44
C LEU C 39 36.88 -26.59 -8.03
N LYS C 40 37.88 -26.14 -7.26
CA LYS C 40 38.92 -25.28 -7.82
C LYS C 40 39.45 -25.83 -9.14
N LYS C 41 39.64 -27.16 -9.23
CA LYS C 41 40.19 -27.72 -10.46
C LYS C 41 39.28 -27.44 -11.66
N LEU C 42 37.98 -27.63 -11.48
CA LEU C 42 37.03 -27.32 -12.54
C LEU C 42 36.96 -25.81 -12.81
N MET C 43 36.94 -25.01 -11.75
CA MET C 43 36.86 -23.56 -11.94
C MET C 43 38.08 -23.05 -12.70
N ASN C 44 39.28 -23.52 -12.34
CA ASN C 44 40.48 -23.09 -13.04
C ASN C 44 40.41 -23.49 -14.51
N ALA C 45 40.00 -24.74 -14.76
CA ALA C 45 39.94 -25.22 -16.14
C ALA C 45 38.93 -24.44 -16.96
N TYR C 46 37.78 -24.12 -16.37
CA TYR C 46 36.77 -23.35 -17.09
C TYR C 46 37.31 -21.97 -17.46
N CYS C 47 37.88 -21.24 -16.51
CA CYS C 47 38.38 -19.89 -16.81
C CYS C 47 39.52 -19.93 -17.81
N ASP C 48 40.39 -20.93 -17.70
CA ASP C 48 41.42 -21.17 -18.71
C ASP C 48 40.80 -21.36 -20.09
N ARG C 49 39.84 -22.29 -20.19
CA ARG C 49 39.23 -22.58 -21.49
C ARG C 49 38.52 -21.39 -22.08
N GLN C 50 37.88 -20.57 -21.25
CA GLN C 50 37.11 -19.43 -21.73
C GLN C 50 37.94 -18.16 -21.89
N SER C 51 39.24 -18.22 -21.58
CA SER C 51 40.15 -17.09 -21.65
C SER C 51 39.62 -15.91 -20.84
N VAL C 52 39.22 -16.20 -19.60
CA VAL C 52 38.76 -15.17 -18.68
C VAL C 52 39.54 -15.27 -17.38
N ASP C 53 39.74 -14.13 -16.74
CA ASP C 53 40.39 -14.08 -15.44
C ASP C 53 39.57 -14.82 -14.41
N PHE C 54 40.22 -15.77 -13.73
CA PHE C 54 39.59 -16.49 -12.63
C PHE C 54 38.92 -15.54 -11.64
N ASN C 55 39.58 -14.43 -11.31
CA ASN C 55 39.06 -13.52 -10.31
C ASN C 55 37.88 -12.69 -10.80
N SER C 56 37.54 -12.76 -12.08
CA SER C 56 36.39 -12.03 -12.62
C SER C 56 35.12 -12.87 -12.65
N ILE C 57 35.18 -14.13 -12.25
CA ILE C 57 34.06 -15.07 -12.41
C ILE C 57 33.61 -15.57 -11.05
N ALA C 58 32.30 -15.65 -10.88
CA ALA C 58 31.68 -16.33 -9.75
C ALA C 58 30.92 -17.54 -10.28
N PHE C 59 30.93 -18.62 -9.50
CA PHE C 59 30.24 -19.85 -9.87
C PHE C 59 29.13 -20.08 -8.87
N LEU C 60 27.95 -20.42 -9.36
CA LEU C 60 26.78 -20.60 -8.50
C LEU C 60 26.15 -21.95 -8.71
N PHE C 61 25.59 -22.50 -7.63
CA PHE C 61 24.94 -23.80 -7.65
C PHE C 61 23.93 -23.79 -6.53
N ASP C 62 22.69 -24.18 -6.84
CA ASP C 62 21.64 -24.28 -5.82
C ASP C 62 21.48 -22.95 -5.08
N GLY C 63 21.58 -21.84 -5.81
CA GLY C 63 21.37 -20.52 -5.26
C GLY C 63 22.53 -19.94 -4.48
N ARG C 64 23.64 -20.64 -4.37
CA ARG C 64 24.73 -20.22 -3.51
C ARG C 64 26.03 -20.15 -4.31
N ARG C 65 26.89 -19.23 -3.90
CA ARG C 65 28.19 -19.09 -4.57
C ARG C 65 29.08 -20.23 -4.15
N LEU C 66 29.71 -20.86 -5.12
CA LEU C 66 30.58 -21.99 -4.83
C LEU C 66 31.96 -21.52 -4.40
N ARG C 67 32.56 -22.29 -3.50
CA ARG C 67 33.91 -22.04 -3.03
C ARG C 67 34.86 -23.10 -3.61
N ALA C 68 36.11 -22.66 -3.83
CA ALA C 68 37.10 -23.49 -4.50
C ALA C 68 37.34 -24.81 -3.78
N GLU C 69 37.23 -24.84 -2.45
CA GLU C 69 37.50 -26.02 -1.67
C GLU C 69 36.33 -26.98 -1.54
N GLN C 70 35.18 -26.63 -2.10
CA GLN C 70 34.02 -27.51 -2.03
C GLN C 70 34.13 -28.62 -3.06
N THR C 71 33.58 -29.78 -2.73
CA THR C 71 33.57 -30.93 -3.61
C THR C 71 32.14 -31.25 -4.05
N PRO C 72 31.98 -31.95 -5.18
CA PRO C 72 30.62 -32.40 -5.56
C PRO C 72 29.96 -33.23 -4.47
N ASP C 73 30.73 -34.06 -3.77
CA ASP C 73 30.15 -34.86 -2.70
C ASP C 73 29.61 -33.99 -1.59
N GLU C 74 30.38 -32.97 -1.18
CA GLU C 74 29.89 -32.06 -0.15
C GLU C 74 28.58 -31.41 -0.57
N LEU C 75 28.48 -31.01 -1.83
CA LEU C 75 27.32 -30.31 -2.34
C LEU C 75 26.22 -31.25 -2.79
N GLU C 76 26.44 -32.55 -2.71
CA GLU C 76 25.46 -33.55 -3.11
C GLU C 76 25.10 -33.41 -4.59
N MET C 77 26.13 -33.20 -5.41
CA MET C 77 25.93 -33.06 -6.84
C MET C 77 25.81 -34.42 -7.48
N GLU C 78 25.04 -34.49 -8.55
CA GLU C 78 24.88 -35.73 -9.30
C GLU C 78 25.25 -35.49 -10.75
N ASP C 79 25.48 -36.59 -11.46
CA ASP C 79 25.76 -36.52 -12.89
C ASP C 79 24.70 -35.69 -13.59
N GLY C 80 25.16 -34.80 -14.47
CA GLY C 80 24.27 -33.91 -15.18
C GLY C 80 23.99 -32.60 -14.49
N ASP C 81 24.48 -32.39 -13.27
CA ASP C 81 24.17 -31.15 -12.57
C ASP C 81 24.86 -29.98 -13.29
N GLU C 82 24.27 -28.81 -13.11
CA GLU C 82 24.71 -27.61 -13.79
C GLU C 82 25.21 -26.55 -12.80
N ILE C 83 26.33 -25.95 -13.10
CA ILE C 83 26.90 -24.82 -12.37
C ILE C 83 26.79 -23.60 -13.25
N ASP C 84 26.33 -22.50 -12.69
CA ASP C 84 26.23 -21.25 -13.43
C ASP C 84 27.46 -20.39 -13.18
N ALA C 85 28.07 -19.91 -14.27
CA ALA C 85 29.25 -19.06 -14.20
C ALA C 85 28.82 -17.65 -14.62
N MET C 86 29.08 -16.69 -13.74
CA MET C 86 28.65 -15.31 -13.95
C MET C 86 29.85 -14.40 -13.78
N LEU C 87 29.98 -13.40 -14.65
CA LEU C 87 31.02 -12.40 -14.44
C LEU C 87 30.62 -11.46 -13.32
N HIS C 88 31.60 -11.04 -12.53
CA HIS C 88 31.35 -10.08 -11.47
C HIS C 88 30.82 -8.75 -12.01
N GLN C 89 30.14 -8.03 -11.12
CA GLN C 89 29.47 -6.78 -11.42
C GLN C 89 30.07 -5.68 -10.55
N THR C 90 30.00 -4.44 -11.05
CA THR C 90 30.46 -3.25 -10.35
C THR C 90 29.55 -2.09 -10.74
N GLY C 91 29.49 -1.07 -9.90
CA GLY C 91 28.71 0.11 -10.22
C GLY C 91 28.77 1.14 -9.13
N ALA D 15 -26.96 39.70 24.02
CA ALA D 15 -27.61 38.58 24.68
C ALA D 15 -28.30 37.68 23.65
N HIS D 16 -28.58 38.26 22.48
CA HIS D 16 -29.33 37.61 21.42
C HIS D 16 -28.40 37.26 20.27
N ILE D 17 -28.78 36.24 19.52
CA ILE D 17 -28.01 35.76 18.37
C ILE D 17 -28.98 35.37 17.29
N ASN D 18 -28.68 35.77 16.05
CA ASN D 18 -29.48 35.40 14.89
C ASN D 18 -28.81 34.24 14.18
N LEU D 19 -29.58 33.19 13.94
CA LEU D 19 -29.10 31.99 13.28
C LEU D 19 -30.04 31.61 12.14
N LYS D 20 -29.47 31.00 11.12
CA LYS D 20 -30.23 30.45 9.99
C LYS D 20 -30.13 28.93 10.05
N VAL D 21 -31.26 28.26 9.84
CA VAL D 21 -31.30 26.82 9.62
C VAL D 21 -31.48 26.60 8.12
N LYS D 22 -30.54 25.86 7.52
CA LYS D 22 -30.50 25.60 6.08
C LYS D 22 -30.80 24.12 5.85
N GLY D 23 -31.84 23.85 5.05
CA GLY D 23 -32.19 22.49 4.70
C GLY D 23 -31.43 21.94 3.50
N GLN D 24 -31.53 20.61 3.33
CA GLN D 24 -30.80 19.92 2.30
C GLN D 24 -31.25 20.34 0.90
N ASP D 25 -32.47 20.84 0.76
CA ASP D 25 -32.96 21.38 -0.51
C ASP D 25 -32.66 22.86 -0.65
N GLY D 26 -31.95 23.44 0.32
CA GLY D 26 -31.62 24.86 0.30
C GLY D 26 -32.57 25.76 1.06
N ASN D 27 -33.71 25.25 1.54
CA ASN D 27 -34.65 26.11 2.26
C ASN D 27 -33.98 26.68 3.50
N GLU D 28 -34.38 27.91 3.85
CA GLU D 28 -33.79 28.64 4.96
C GLU D 28 -34.88 29.14 5.89
N VAL D 29 -34.63 29.04 7.20
CA VAL D 29 -35.48 29.60 8.24
C VAL D 29 -34.57 30.36 9.21
N PHE D 30 -34.96 31.59 9.56
CA PHE D 30 -34.14 32.44 10.41
C PHE D 30 -34.71 32.46 11.83
N PHE D 31 -33.82 32.45 12.82
CA PHE D 31 -34.20 32.44 14.22
C PHE D 31 -33.37 33.46 14.98
N ARG D 32 -33.91 33.94 16.09
CA ARG D 32 -33.21 34.84 17.01
C ARG D 32 -33.45 34.30 18.41
N ILE D 33 -32.37 33.97 19.12
CA ILE D 33 -32.48 33.33 20.42
C ILE D 33 -31.37 33.80 21.34
N LYS D 34 -31.54 33.53 22.64
CA LYS D 34 -30.56 33.92 23.64
C LYS D 34 -29.42 32.90 23.67
N ARG D 35 -28.20 33.40 23.87
CA ARG D 35 -27.03 32.53 23.80
C ARG D 35 -26.97 31.55 24.96
N SER D 36 -27.75 31.79 26.01
CA SER D 36 -27.81 30.91 27.18
C SER D 36 -28.89 29.85 27.05
N THR D 37 -29.70 29.92 26.01
CA THR D 37 -30.82 29.02 25.78
C THR D 37 -30.33 27.78 25.02
N GLN D 38 -30.93 26.65 25.35
CA GLN D 38 -30.57 25.40 24.68
C GLN D 38 -31.05 25.43 23.24
N LEU D 39 -30.25 24.86 22.34
CA LEU D 39 -30.65 24.78 20.94
C LEU D 39 -31.94 23.99 20.76
N LYS D 40 -32.33 23.17 21.74
CA LYS D 40 -33.60 22.47 21.74
C LYS D 40 -34.73 23.38 21.31
N LYS D 41 -34.72 24.63 21.77
CA LYS D 41 -35.84 25.52 21.45
C LYS D 41 -35.89 25.81 19.95
N LEU D 42 -34.73 26.12 19.35
CA LEU D 42 -34.65 26.32 17.91
C LEU D 42 -34.98 25.05 17.15
N MET D 43 -34.45 23.90 17.58
CA MET D 43 -34.75 22.65 16.89
C MET D 43 -36.23 22.32 16.95
N ASN D 44 -36.81 22.41 18.15
CA ASN D 44 -38.23 22.12 18.32
C ASN D 44 -39.06 23.01 17.41
N ALA D 45 -38.70 24.31 17.36
CA ALA D 45 -39.46 25.26 16.54
C ALA D 45 -39.31 24.97 15.06
N TYR D 46 -38.10 24.62 14.61
CA TYR D 46 -37.91 24.29 13.20
C TYR D 46 -38.74 23.08 12.79
N CYS D 47 -38.71 22.01 13.59
CA CYS D 47 -39.47 20.83 13.22
C CYS D 47 -40.97 21.10 13.29
N ASP D 48 -41.41 21.76 14.36
CA ASP D 48 -42.80 22.17 14.47
C ASP D 48 -43.24 22.93 13.22
N ARG D 49 -42.45 23.94 12.83
CA ARG D 49 -42.83 24.75 11.67
C ARG D 49 -42.75 23.98 10.37
N GLN D 50 -41.79 23.06 10.25
CA GLN D 50 -41.64 22.29 9.02
C GLN D 50 -42.58 21.08 8.97
N SER D 51 -43.36 20.84 10.02
CA SER D 51 -44.23 19.67 10.14
C SER D 51 -43.47 18.37 9.89
N VAL D 52 -42.33 18.24 10.54
CA VAL D 52 -41.56 17.00 10.52
C VAL D 52 -41.32 16.56 11.96
N ASP D 53 -41.19 15.25 12.14
CA ASP D 53 -40.87 14.68 13.44
C ASP D 53 -39.47 15.09 13.88
N PHE D 54 -39.37 15.68 15.07
CA PHE D 54 -38.07 16.02 15.65
C PHE D 54 -37.09 14.86 15.57
N ASN D 55 -37.55 13.63 15.81
CA ASN D 55 -36.66 12.48 15.83
C ASN D 55 -36.17 12.06 14.45
N SER D 56 -36.72 12.62 13.38
CA SER D 56 -36.30 12.29 12.02
C SER D 56 -35.25 13.25 11.47
N ILE D 57 -34.87 14.27 12.22
CA ILE D 57 -34.01 15.35 11.73
CA ILE D 57 -34.01 15.33 11.71
C ILE D 57 -32.72 15.39 12.54
N ALA D 58 -31.60 15.61 11.85
CA ALA D 58 -30.34 15.92 12.51
C ALA D 58 -29.91 17.34 12.14
N PHE D 59 -29.25 18.02 13.07
CA PHE D 59 -28.75 19.37 12.87
C PHE D 59 -27.24 19.32 12.98
N LEU D 60 -26.56 19.93 12.03
CA LEU D 60 -25.11 19.92 11.97
C LEU D 60 -24.55 21.32 11.97
N PHE D 61 -23.39 21.47 12.61
CA PHE D 61 -22.71 22.76 12.70
C PHE D 61 -21.24 22.46 12.81
N ASP D 62 -20.42 23.16 12.02
CA ASP D 62 -18.97 22.94 12.01
C ASP D 62 -18.63 21.46 11.88
N GLY D 63 -19.38 20.76 11.02
CA GLY D 63 -19.09 19.38 10.70
C GLY D 63 -19.52 18.37 11.74
N ARG D 64 -20.19 18.80 12.80
CA ARG D 64 -20.57 17.94 13.91
C ARG D 64 -22.07 17.99 14.13
N ARG D 65 -22.60 16.88 14.64
CA ARG D 65 -24.00 16.81 14.96
C ARG D 65 -24.25 17.55 16.25
N LEU D 66 -25.24 18.44 16.25
CA LEU D 66 -25.57 19.21 17.43
C LEU D 66 -26.50 18.40 18.33
N ARG D 67 -26.33 18.62 19.64
CA ARG D 67 -27.23 18.05 20.64
C ARG D 67 -28.18 19.13 21.12
N ALA D 68 -29.42 18.73 21.39
CA ALA D 68 -30.44 19.68 21.79
C ALA D 68 -30.05 20.42 23.05
N GLU D 69 -29.25 19.80 23.93
CA GLU D 69 -28.93 20.40 25.22
C GLU D 69 -27.81 21.41 25.15
N GLN D 70 -27.10 21.49 24.03
CA GLN D 70 -26.05 22.48 23.87
C GLN D 70 -26.66 23.86 23.62
N THR D 71 -25.95 24.89 24.06
CA THR D 71 -26.36 26.26 23.86
C THR D 71 -25.44 26.95 22.86
N PRO D 72 -25.88 28.04 22.25
CA PRO D 72 -24.97 28.76 21.33
C PRO D 72 -23.69 29.22 22.00
N ASP D 73 -23.77 29.69 23.25
CA ASP D 73 -22.56 30.10 23.95
C ASP D 73 -21.60 28.93 24.12
N GLU D 74 -22.13 27.73 24.37
CA GLU D 74 -21.28 26.55 24.50
C GLU D 74 -20.54 26.26 23.21
N LEU D 75 -21.14 26.58 22.06
CA LEU D 75 -20.58 26.29 20.76
C LEU D 75 -19.92 27.50 20.11
N GLU D 76 -19.78 28.61 20.85
CA GLU D 76 -19.15 29.81 20.32
C GLU D 76 -19.85 30.32 19.06
N MET D 77 -21.15 30.11 18.97
CA MET D 77 -21.85 30.56 17.78
C MET D 77 -21.91 32.08 17.76
N GLU D 78 -21.72 32.65 16.59
CA GLU D 78 -21.82 34.08 16.43
C GLU D 78 -22.97 34.40 15.49
N ASP D 79 -23.41 35.65 15.56
CA ASP D 79 -24.53 36.11 14.76
C ASP D 79 -24.28 35.83 13.28
N GLY D 80 -25.32 35.33 12.61
CA GLY D 80 -25.21 34.96 11.23
C GLY D 80 -24.75 33.54 10.97
N ASP D 81 -24.52 32.75 12.00
CA ASP D 81 -24.05 31.36 11.82
C ASP D 81 -25.21 30.53 11.27
N GLU D 82 -24.85 29.48 10.53
CA GLU D 82 -25.84 28.64 9.84
C GLU D 82 -25.78 27.23 10.44
N ILE D 83 -26.93 26.63 10.60
CA ILE D 83 -27.06 25.25 11.11
C ILE D 83 -27.70 24.47 9.95
N ASP D 84 -27.15 23.33 9.59
CA ASP D 84 -27.67 22.54 8.48
C ASP D 84 -28.56 21.44 9.04
N ALA D 85 -29.79 21.36 8.53
CA ALA D 85 -30.77 20.37 8.97
C ALA D 85 -30.89 19.31 7.89
N MET D 86 -30.77 18.04 8.29
CA MET D 86 -30.77 16.91 7.38
C MET D 86 -31.70 15.84 7.92
N LEU D 87 -32.50 15.22 7.06
CA LEU D 87 -33.30 14.09 7.49
C LEU D 87 -32.41 12.86 7.66
N HIS D 88 -32.70 12.05 8.67
CA HIS D 88 -31.96 10.81 8.91
C HIS D 88 -32.11 9.85 7.72
N GLN D 89 -31.15 8.94 7.62
CA GLN D 89 -31.04 8.00 6.53
C GLN D 89 -31.08 6.57 7.09
N THR D 90 -31.57 5.65 6.28
CA THR D 90 -31.61 4.23 6.62
C THR D 90 -31.35 3.45 5.35
N GLY D 91 -30.87 2.23 5.52
CA GLY D 91 -30.64 1.35 4.38
C GLY D 91 -30.29 -0.06 4.79
#